data_9G1R
#
_entry.id   9G1R
#
_cell.length_a   67.789
_cell.length_b   89.623
_cell.length_c   44.890
_cell.angle_alpha   90.000
_cell.angle_beta   90.000
_cell.angle_gamma   90.000
#
_symmetry.space_group_name_H-M   'P 21 21 2'
#
loop_
_entity.id
_entity.type
_entity.pdbx_description
1 polymer 'Fosfomycin resistance protein'
2 non-polymer 1,2-ETHANEDIOL
3 non-polymer ~{N}-[(~{E})-thiophen-2-ylmethylideneamino]cyclopropanecarboxamide
4 non-polymer 'MANGANESE (II) ION'
5 water water
#
_entity_poly.entity_id   1
_entity_poly.type   'polypeptide(L)'
_entity_poly.pdbx_seq_one_letter_code
;MLSGLNHLTLAVSQLAPSVAFYQQLLGMTLHARWDSGAYLSCGDLWLCLSLDPQRRVTPPEESDYTHYAFSISEADFASF
AARLEAAGVAVWKLNRSEGASHYFLDPDGHKLELHVGSLAQRLAACREQPYKGMVFFEQHHHHHH
;
_entity_poly.pdbx_strand_id   A,B
#
# COMPACT_ATOMS: atom_id res chain seq x y z
N MET A 1 19.16 4.74 -0.36
CA MET A 1 18.44 3.60 -1.06
C MET A 1 17.17 3.16 -0.33
N LEU A 2 16.11 2.98 -1.11
CA LEU A 2 14.85 2.56 -0.54
C LEU A 2 14.85 1.05 -0.36
N SER A 3 14.20 0.56 0.71
N SER A 3 14.29 0.62 0.76
CA SER A 3 14.36 -0.86 1.04
CA SER A 3 14.21 -0.81 1.02
C SER A 3 13.06 -1.62 1.29
C SER A 3 12.96 -1.08 1.84
N GLY A 4 11.93 -1.03 1.01
N GLY A 4 11.93 -1.55 1.17
CA GLY A 4 10.66 -1.70 1.15
CA GLY A 4 10.72 -1.98 1.81
C GLY A 4 9.61 -0.74 1.62
C GLY A 4 9.72 -0.86 1.92
N LEU A 5 8.46 -1.29 2.04
CA LEU A 5 7.37 -0.45 2.49
C LEU A 5 7.53 -0.26 3.98
N ASN A 6 7.71 0.98 4.42
CA ASN A 6 7.77 1.31 5.84
C ASN A 6 6.40 1.19 6.49
N HIS A 7 5.37 1.76 5.87
CA HIS A 7 4.00 1.62 6.35
C HIS A 7 3.01 1.91 5.25
N LEU A 8 1.81 1.34 5.42
CA LEU A 8 0.63 1.63 4.61
C LEU A 8 -0.32 2.43 5.49
N THR A 9 -0.74 3.60 5.04
CA THR A 9 -1.74 4.38 5.76
C THR A 9 -3.00 4.47 4.93
N LEU A 10 -4.11 4.04 5.51
CA LEU A 10 -5.42 4.12 4.86
C LEU A 10 -6.26 5.18 5.55
N ALA A 11 -6.76 6.13 4.78
CA ALA A 11 -7.71 7.08 5.31
C ALA A 11 -9.05 6.37 5.52
N VAL A 12 -9.68 6.57 6.67
CA VAL A 12 -10.94 5.93 7.00
C VAL A 12 -11.95 6.99 7.42
N SER A 13 -13.22 6.72 7.13
CA SER A 13 -14.27 7.66 7.48
C SER A 13 -14.81 7.47 8.91
N GLN A 14 -14.80 6.25 9.41
CA GLN A 14 -15.28 5.90 10.74
C GLN A 14 -14.25 4.97 11.37
N LEU A 15 -13.59 5.43 12.41
CA LEU A 15 -12.45 4.71 12.92
C LEU A 15 -12.81 3.36 13.49
N ALA A 16 -13.81 3.31 14.34
CA ALA A 16 -14.11 2.06 15.03
C ALA A 16 -14.50 0.93 14.08
N PRO A 17 -15.41 1.13 13.14
CA PRO A 17 -15.70 0.05 12.19
C PRO A 17 -14.50 -0.37 11.40
N SER A 18 -13.61 0.56 11.08
N SER A 18 -13.61 0.56 11.04
CA SER A 18 -12.42 0.16 10.34
CA SER A 18 -12.39 0.18 10.33
C SER A 18 -11.48 -0.67 11.21
C SER A 18 -11.49 -0.68 11.20
N VAL A 19 -11.24 -0.25 12.44
CA VAL A 19 -10.44 -1.07 13.35
C VAL A 19 -11.03 -2.45 13.47
N ALA A 20 -12.36 -2.53 13.68
CA ALA A 20 -12.97 -3.83 13.80
C ALA A 20 -12.75 -4.68 12.57
N PHE A 21 -12.85 -4.08 11.39
CA PHE A 21 -12.63 -4.84 10.17
C PHE A 21 -11.24 -5.46 10.12
N TYR A 22 -10.22 -4.64 10.33
CA TYR A 22 -8.85 -5.14 10.18
C TYR A 22 -8.45 -6.05 11.32
N GLN A 23 -8.89 -5.75 12.54
CA GLN A 23 -8.51 -6.56 13.69
C GLN A 23 -9.41 -7.79 13.81
N GLN A 24 -10.72 -7.57 13.91
CA GLN A 24 -11.59 -8.72 14.20
C GLN A 24 -11.80 -9.61 12.98
N LEU A 25 -12.08 -9.03 11.83
CA LEU A 25 -12.40 -9.84 10.69
C LEU A 25 -11.14 -10.33 9.98
N LEU A 26 -10.17 -9.46 9.76
CA LEU A 26 -8.94 -9.88 9.07
C LEU A 26 -7.89 -10.45 10.00
N GLY A 27 -8.01 -10.30 11.32
CA GLY A 27 -7.09 -10.93 12.23
C GLY A 27 -5.79 -10.21 12.46
N MET A 28 -5.68 -8.96 12.02
CA MET A 28 -4.47 -8.21 12.25
C MET A 28 -4.31 -7.86 13.71
N THR A 29 -3.09 -7.55 14.10
CA THR A 29 -2.77 -7.26 15.48
C THR A 29 -2.93 -5.77 15.76
N LEU A 30 -3.80 -5.39 16.72
CA LEU A 30 -4.00 -3.99 17.10
C LEU A 30 -3.00 -3.63 18.20
N HIS A 31 -2.16 -2.63 17.98
CA HIS A 31 -1.17 -2.19 18.95
C HIS A 31 -1.61 -0.96 19.73
N ALA A 32 -2.28 -0.04 19.06
CA ALA A 32 -2.69 1.19 19.72
C ALA A 32 -3.82 1.80 18.92
N ARG A 33 -4.67 2.56 19.62
CA ARG A 33 -5.67 3.38 18.94
C ARG A 33 -5.78 4.69 19.70
N TRP A 34 -6.23 5.73 19.02
CA TRP A 34 -6.43 7.03 19.64
C TRP A 34 -7.60 7.71 18.94
N ASP A 35 -7.86 8.96 19.29
CA ASP A 35 -9.10 9.55 18.81
C ASP A 35 -9.14 9.65 17.31
N SER A 36 -7.97 9.72 16.66
N SER A 36 -7.99 9.73 16.63
CA SER A 36 -7.90 9.95 15.22
CA SER A 36 -8.03 9.89 15.18
C SER A 36 -7.18 8.87 14.43
C SER A 36 -7.17 8.86 14.43
N GLY A 37 -6.91 7.71 15.03
CA GLY A 37 -6.22 6.68 14.26
C GLY A 37 -5.99 5.42 15.02
N ALA A 38 -5.33 4.49 14.33
CA ALA A 38 -4.94 3.24 14.97
C ALA A 38 -3.70 2.70 14.27
N TYR A 39 -2.89 1.94 15.02
CA TYR A 39 -1.75 1.23 14.47
C TYR A 39 -1.96 -0.26 14.63
N LEU A 40 -1.83 -0.99 13.53
CA LEU A 40 -1.94 -2.43 13.49
C LEU A 40 -0.72 -3.01 12.79
N SER A 41 -0.49 -4.30 12.98
CA SER A 41 0.49 -5.01 12.18
C SER A 41 -0.11 -6.26 11.60
N CYS A 42 0.44 -6.66 10.48
CA CYS A 42 0.08 -7.87 9.76
C CYS A 42 1.41 -8.49 9.36
N GLY A 43 1.89 -9.49 10.08
CA GLY A 43 3.29 -9.89 9.94
C GLY A 43 4.17 -8.69 10.16
N ASP A 44 5.10 -8.45 9.23
N ASP A 44 5.09 -8.45 9.21
CA ASP A 44 5.98 -7.29 9.36
CA ASP A 44 5.99 -7.31 9.27
C ASP A 44 5.34 -5.99 8.89
C ASP A 44 5.40 -6.01 8.73
N LEU A 45 4.17 -6.03 8.25
CA LEU A 45 3.52 -4.79 7.79
C LEU A 45 3.02 -3.93 8.94
N TRP A 46 3.38 -2.64 8.89
CA TRP A 46 2.83 -1.60 9.75
C TRP A 46 1.69 -0.93 8.99
N LEU A 47 0.47 -1.14 9.47
CA LEU A 47 -0.74 -0.54 8.94
C LEU A 47 -1.18 0.58 9.87
N CYS A 48 -1.41 1.75 9.30
N CYS A 48 -1.41 1.76 9.31
CA CYS A 48 -2.01 2.87 10.02
CA CYS A 48 -2.02 2.85 10.04
C CYS A 48 -3.40 3.12 9.43
C CYS A 48 -3.38 3.17 9.45
N LEU A 49 -4.41 3.22 10.31
CA LEU A 49 -5.72 3.69 9.92
C LEU A 49 -5.81 5.12 10.42
N SER A 50 -6.10 6.07 9.52
CA SER A 50 -6.11 7.50 9.87
C SER A 50 -7.49 8.08 9.63
N LEU A 51 -8.14 8.55 10.70
CA LEU A 51 -9.46 9.13 10.54
C LEU A 51 -9.36 10.39 9.68
N ASP A 52 -10.07 10.41 8.60
CA ASP A 52 -9.96 11.53 7.67
C ASP A 52 -11.34 11.97 7.25
N PRO A 53 -11.80 13.18 7.61
CA PRO A 53 -13.12 13.65 7.15
C PRO A 53 -13.23 13.70 5.64
N GLN A 54 -12.11 13.70 4.91
N GLN A 54 -12.11 13.68 4.91
CA GLN A 54 -12.18 13.72 3.46
CA GLN A 54 -12.12 13.72 3.45
C GLN A 54 -12.41 12.34 2.83
C GLN A 54 -12.24 12.33 2.80
N ARG A 55 -12.23 11.26 3.57
CA ARG A 55 -12.44 9.93 2.99
C ARG A 55 -13.90 9.70 2.60
N ARG A 56 -14.12 9.29 1.34
CA ARG A 56 -15.43 8.95 0.80
C ARG A 56 -15.57 7.43 0.76
N VAL A 57 -16.74 6.93 1.15
CA VAL A 57 -17.06 5.52 0.96
C VAL A 57 -17.27 5.34 -0.54
N THR A 58 -16.36 4.64 -1.18
CA THR A 58 -16.26 4.73 -2.63
C THR A 58 -16.63 3.42 -3.29
N PRO A 59 -17.63 3.41 -4.17
CA PRO A 59 -17.97 2.17 -4.87
C PRO A 59 -16.84 1.77 -5.79
N PRO A 60 -16.68 0.47 -6.05
CA PRO A 60 -15.50 0.01 -6.75
C PRO A 60 -15.50 0.40 -8.21
N GLU A 61 -16.66 0.69 -8.79
CA GLU A 61 -16.69 1.13 -10.17
C GLU A 61 -16.23 2.57 -10.33
N GLU A 62 -16.06 3.33 -9.24
N GLU A 62 -16.11 3.32 -9.23
CA GLU A 62 -15.63 4.73 -9.31
CA GLU A 62 -15.70 4.72 -9.24
C GLU A 62 -14.27 4.92 -8.65
C GLU A 62 -14.20 4.87 -8.95
N SER A 63 -13.54 3.85 -8.40
CA SER A 63 -12.12 3.95 -8.10
C SER A 63 -11.30 3.18 -9.11
N ASP A 64 -10.03 3.55 -9.24
CA ASP A 64 -9.12 2.86 -10.12
C ASP A 64 -8.64 1.55 -9.49
N TYR A 65 -7.72 0.89 -10.18
CA TYR A 65 -7.27 -0.46 -9.83
C TYR A 65 -6.27 -0.50 -8.66
N THR A 66 -5.89 0.66 -8.09
CA THR A 66 -4.97 0.66 -6.95
C THR A 66 -5.51 -0.27 -5.87
N HIS A 67 -4.68 -1.16 -5.36
CA HIS A 67 -5.16 -2.12 -4.35
C HIS A 67 -4.01 -2.66 -3.52
N TYR A 68 -4.37 -3.35 -2.42
CA TYR A 68 -3.45 -3.78 -1.38
C TYR A 68 -3.71 -5.25 -1.15
N ALA A 69 -2.71 -6.07 -1.41
CA ALA A 69 -2.84 -7.52 -1.27
C ALA A 69 -2.08 -8.01 -0.06
N PHE A 70 -2.72 -8.91 0.70
CA PHE A 70 -2.14 -9.53 1.88
C PHE A 70 -1.85 -11.00 1.60
N SER A 71 -0.74 -11.45 2.15
CA SER A 71 -0.30 -12.81 1.97
C SER A 71 -1.05 -13.78 2.84
N ILE A 72 -1.38 -14.93 2.26
CA ILE A 72 -2.01 -16.02 2.98
C ILE A 72 -1.51 -17.32 2.37
N SER A 73 -1.46 -18.35 3.19
CA SER A 73 -0.95 -19.63 2.75
C SER A 73 -1.97 -20.34 1.85
N GLU A 74 -1.45 -21.29 1.09
CA GLU A 74 -2.32 -22.13 0.25
C GLU A 74 -3.34 -22.88 1.09
N ALA A 75 -2.93 -23.32 2.27
CA ALA A 75 -3.82 -24.10 3.12
C ALA A 75 -4.94 -23.27 3.72
N ASP A 76 -4.72 -21.97 3.95
CA ASP A 76 -5.72 -21.13 4.60
C ASP A 76 -6.57 -20.31 3.63
N PHE A 77 -6.15 -20.20 2.37
CA PHE A 77 -6.74 -19.23 1.44
C PHE A 77 -8.25 -19.43 1.32
N ALA A 78 -8.70 -20.62 0.96
CA ALA A 78 -10.08 -20.79 0.58
C ALA A 78 -11.02 -20.61 1.77
N SER A 79 -10.64 -21.10 2.94
N SER A 79 -10.66 -21.16 2.93
CA SER A 79 -11.57 -20.97 4.06
CA SER A 79 -11.49 -20.98 4.12
C SER A 79 -11.64 -19.52 4.54
C SER A 79 -11.64 -19.51 4.45
N PHE A 80 -10.55 -18.77 4.40
CA PHE A 80 -10.58 -17.35 4.78
C PHE A 80 -11.44 -16.57 3.80
N ALA A 81 -11.27 -16.81 2.50
CA ALA A 81 -12.12 -16.16 1.49
C ALA A 81 -13.59 -16.49 1.75
N ALA A 82 -13.90 -17.75 2.05
CA ALA A 82 -15.29 -18.15 2.24
C ALA A 82 -15.85 -17.49 3.48
N ARG A 83 -15.02 -17.32 4.51
CA ARG A 83 -15.50 -16.64 5.70
C ARG A 83 -15.80 -15.17 5.43
N LEU A 84 -14.94 -14.49 4.66
CA LEU A 84 -15.26 -13.11 4.29
C LEU A 84 -16.59 -13.07 3.51
N GLU A 85 -16.78 -13.99 2.56
CA GLU A 85 -18.04 -14.03 1.83
C GLU A 85 -19.23 -14.23 2.74
N ALA A 86 -19.13 -15.18 3.67
CA ALA A 86 -20.24 -15.44 4.56
C ALA A 86 -20.51 -14.27 5.48
N ALA A 87 -19.52 -13.45 5.75
CA ALA A 87 -19.72 -12.27 6.58
C ALA A 87 -20.27 -11.09 5.81
N GLY A 88 -20.48 -11.24 4.51
CA GLY A 88 -21.10 -10.21 3.73
C GLY A 88 -20.15 -9.18 3.19
N VAL A 89 -18.85 -9.48 3.19
CA VAL A 89 -17.88 -8.52 2.69
C VAL A 89 -18.04 -8.37 1.18
N ALA A 90 -18.13 -7.13 0.71
CA ALA A 90 -18.35 -6.87 -0.70
C ALA A 90 -17.10 -7.18 -1.49
N VAL A 91 -17.32 -7.39 -2.77
N VAL A 91 -17.30 -7.54 -2.77
CA VAL A 91 -16.24 -7.75 -3.64
CA VAL A 91 -16.25 -8.01 -3.68
C VAL A 91 -16.06 -6.70 -4.72
C VAL A 91 -16.22 -7.14 -4.93
N TRP A 92 -15.01 -6.91 -5.47
CA TRP A 92 -14.79 -5.96 -6.54
C TRP A 92 -14.20 -6.63 -7.75
N LYS A 93 -13.77 -7.89 -7.67
CA LYS A 93 -13.26 -8.53 -8.89
C LYS A 93 -13.38 -10.04 -8.75
N LEU A 94 -13.64 -10.74 -9.86
CA LEU A 94 -13.80 -12.20 -9.84
C LEU A 94 -12.72 -12.92 -10.65
N ASN A 95 -12.29 -12.35 -11.76
CA ASN A 95 -11.38 -13.03 -12.66
C ASN A 95 -9.97 -13.06 -12.04
N ARG A 96 -9.41 -14.26 -11.91
CA ARG A 96 -8.06 -14.41 -11.33
C ARG A 96 -7.05 -14.21 -12.45
N SER A 97 -6.67 -12.95 -12.65
CA SER A 97 -5.73 -12.57 -13.68
C SER A 97 -4.30 -12.58 -13.17
N GLU A 98 -4.08 -12.80 -11.87
CA GLU A 98 -2.71 -12.76 -11.31
C GLU A 98 -2.52 -13.87 -10.29
N GLY A 99 -3.08 -15.04 -10.55
CA GLY A 99 -2.95 -16.21 -9.70
C GLY A 99 -4.10 -16.34 -8.71
N ALA A 100 -3.81 -17.03 -7.60
CA ALA A 100 -4.84 -17.37 -6.62
C ALA A 100 -5.08 -16.16 -5.73
N SER A 101 -6.19 -15.47 -5.98
CA SER A 101 -6.53 -14.21 -5.33
C SER A 101 -8.02 -14.15 -5.04
N HIS A 102 -8.35 -13.48 -3.95
CA HIS A 102 -9.71 -13.12 -3.59
C HIS A 102 -9.74 -11.61 -3.41
N TYR A 103 -10.66 -10.94 -4.11
CA TYR A 103 -10.72 -9.47 -4.18
C TYR A 103 -11.90 -8.96 -3.38
N PHE A 104 -11.64 -8.16 -2.34
CA PHE A 104 -12.71 -7.72 -1.47
C PHE A 104 -12.48 -6.27 -1.06
N LEU A 105 -13.53 -5.65 -0.52
CA LEU A 105 -13.56 -4.23 -0.16
C LEU A 105 -13.58 -4.04 1.35
N ASP A 106 -12.87 -3.03 1.84
CA ASP A 106 -12.99 -2.60 3.22
C ASP A 106 -14.21 -1.68 3.35
N PRO A 107 -14.55 -1.25 4.58
CA PRO A 107 -15.77 -0.48 4.78
C PRO A 107 -15.82 0.81 3.98
N ASP A 108 -14.69 1.41 3.66
CA ASP A 108 -14.65 2.63 2.87
C ASP A 108 -14.43 2.38 1.40
N GLY A 109 -14.41 1.12 0.97
CA GLY A 109 -14.17 0.85 -0.42
C GLY A 109 -12.71 0.73 -0.78
N HIS A 110 -11.77 0.73 0.19
CA HIS A 110 -10.39 0.40 -0.18
C HIS A 110 -10.37 -1.02 -0.79
N LYS A 111 -9.68 -1.14 -1.91
CA LYS A 111 -9.57 -2.41 -2.62
C LYS A 111 -8.50 -3.27 -2.04
N LEU A 112 -8.91 -4.41 -1.49
CA LEU A 112 -8.05 -5.37 -0.86
C LEU A 112 -8.05 -6.67 -1.64
N GLU A 113 -7.09 -7.51 -1.28
CA GLU A 113 -6.90 -8.79 -1.94
C GLU A 113 -6.24 -9.74 -0.95
N LEU A 114 -6.68 -11.00 -0.98
CA LEU A 114 -5.91 -12.13 -0.44
C LEU A 114 -5.16 -12.77 -1.58
N HIS A 115 -3.85 -13.02 -1.44
CA HIS A 115 -3.09 -13.68 -2.51
C HIS A 115 -2.17 -14.73 -1.95
N VAL A 116 -2.11 -15.86 -2.66
CA VAL A 116 -1.16 -16.93 -2.38
C VAL A 116 -0.02 -16.81 -3.38
N GLY A 117 1.18 -16.58 -2.89
CA GLY A 117 2.38 -16.69 -3.70
C GLY A 117 3.22 -15.43 -3.70
N SER A 118 4.51 -15.61 -3.95
CA SER A 118 5.48 -14.53 -4.01
C SER A 118 5.61 -13.95 -5.41
N LEU A 119 6.40 -12.86 -5.48
CA LEU A 119 6.76 -12.28 -6.78
C LEU A 119 7.52 -13.30 -7.61
N ALA A 120 8.47 -14.02 -7.01
CA ALA A 120 9.21 -15.03 -7.78
C ALA A 120 8.27 -16.06 -8.36
N GLN A 121 7.29 -16.51 -7.58
CA GLN A 121 6.36 -17.50 -8.07
C GLN A 121 5.48 -16.93 -9.18
N ARG A 122 5.10 -15.65 -9.05
N ARG A 122 5.08 -15.66 -9.02
CA ARG A 122 4.28 -15.04 -10.09
CA ARG A 122 4.30 -15.01 -10.06
C ARG A 122 5.07 -14.90 -11.39
C ARG A 122 5.09 -14.96 -11.36
N LEU A 123 6.33 -14.52 -11.29
CA LEU A 123 7.15 -14.44 -12.49
C LEU A 123 7.29 -15.80 -13.16
N ALA A 124 7.51 -16.86 -12.38
CA ALA A 124 7.60 -18.18 -12.98
C ALA A 124 6.28 -18.58 -13.65
N ALA A 125 5.15 -18.31 -13.00
CA ALA A 125 3.86 -18.64 -13.63
C ALA A 125 3.70 -17.86 -14.93
N CYS A 126 4.15 -16.60 -14.93
CA CYS A 126 4.03 -15.74 -16.10
C CYS A 126 4.91 -16.18 -17.24
N ARG A 127 6.03 -16.82 -16.96
CA ARG A 127 6.84 -17.30 -18.08
C ARG A 127 6.06 -18.31 -18.92
N GLU A 128 5.16 -19.10 -18.29
CA GLU A 128 4.32 -20.08 -18.99
C GLU A 128 3.03 -19.46 -19.55
N GLN A 129 2.47 -18.52 -18.80
CA GLN A 129 1.22 -17.84 -19.14
C GLN A 129 1.46 -16.34 -19.01
N PRO A 130 2.22 -15.78 -19.93
CA PRO A 130 2.58 -14.37 -19.81
C PRO A 130 1.43 -13.43 -20.13
N TYR A 131 1.50 -12.28 -19.50
N TYR A 131 1.52 -12.24 -19.55
CA TYR A 131 0.63 -11.18 -19.88
CA TYR A 131 0.66 -11.15 -19.97
C TYR A 131 1.02 -10.70 -21.26
C TYR A 131 1.00 -10.80 -21.41
N LYS A 132 0.08 -10.09 -21.96
N LYS A 132 0.09 -10.09 -22.04
CA LYS A 132 0.33 -9.73 -23.35
CA LYS A 132 0.29 -9.70 -23.42
C LYS A 132 1.52 -8.80 -23.46
C LYS A 132 1.50 -8.76 -23.52
N GLY A 133 2.46 -9.16 -24.34
CA GLY A 133 3.62 -8.36 -24.51
C GLY A 133 4.66 -8.45 -23.43
N MET A 134 4.59 -9.43 -22.54
CA MET A 134 5.49 -9.46 -21.39
C MET A 134 6.94 -9.67 -21.79
N VAL A 135 7.82 -8.90 -21.15
N VAL A 135 7.82 -8.92 -21.14
CA VAL A 135 9.27 -9.03 -21.19
CA VAL A 135 9.25 -9.11 -21.19
C VAL A 135 9.78 -9.19 -19.75
C VAL A 135 9.76 -9.21 -19.76
N PHE A 136 10.78 -10.03 -19.58
CA PHE A 136 11.39 -10.30 -18.29
C PHE A 136 12.81 -9.79 -18.29
N PHE A 137 13.21 -9.17 -17.19
CA PHE A 137 14.54 -8.59 -17.09
C PHE A 137 15.42 -9.43 -16.21
N MET B 1 -4.71 -17.24 8.20
CA MET B 1 -4.08 -16.08 8.94
C MET B 1 -3.25 -15.28 7.92
N LEU B 2 -3.30 -13.96 7.98
CA LEU B 2 -2.55 -13.15 7.04
C LEU B 2 -1.14 -12.93 7.56
N SER B 3 -0.17 -13.01 6.68
CA SER B 3 1.23 -13.02 7.09
C SER B 3 2.05 -11.82 6.64
N GLY B 4 1.46 -10.84 5.98
CA GLY B 4 2.13 -9.61 5.62
C GLY B 4 1.49 -9.00 4.38
N LEU B 5 2.11 -7.94 3.89
CA LEU B 5 1.70 -7.35 2.63
C LEU B 5 2.28 -8.20 1.51
N ASN B 6 1.42 -8.71 0.66
CA ASN B 6 1.87 -9.48 -0.48
C ASN B 6 2.37 -8.57 -1.60
N HIS B 7 1.56 -7.59 -2.02
CA HIS B 7 2.00 -6.62 -3.03
C HIS B 7 1.15 -5.37 -2.88
N LEU B 8 1.73 -4.26 -3.37
CA LEU B 8 1.07 -2.98 -3.54
C LEU B 8 0.90 -2.75 -5.04
N THR B 9 -0.34 -2.49 -5.48
CA THR B 9 -0.59 -2.19 -6.89
C THR B 9 -1.06 -0.75 -6.99
N LEU B 10 -0.37 0.01 -7.84
CA LEU B 10 -0.73 1.38 -8.12
C LEU B 10 -1.27 1.47 -9.55
N ALA B 11 -2.48 2.02 -9.69
CA ALA B 11 -2.98 2.32 -11.02
C ALA B 11 -2.26 3.55 -11.55
N VAL B 12 -1.84 3.47 -12.81
CA VAL B 12 -1.09 4.54 -13.46
C VAL B 12 -1.75 4.91 -14.77
N SER B 13 -1.67 6.20 -15.11
CA SER B 13 -2.28 6.68 -16.35
C SER B 13 -1.40 6.46 -17.58
N GLN B 14 -0.08 6.47 -17.41
CA GLN B 14 0.89 6.30 -18.49
C GLN B 14 2.03 5.45 -17.95
N LEU B 15 2.26 4.30 -18.58
CA LEU B 15 3.20 3.34 -18.01
C LEU B 15 4.64 3.85 -18.06
N ALA B 16 5.07 4.45 -19.16
CA ALA B 16 6.47 4.81 -19.28
C ALA B 16 6.91 5.83 -18.23
N PRO B 17 6.17 6.92 -17.97
CA PRO B 17 6.64 7.82 -16.91
C PRO B 17 6.63 7.19 -15.57
N SER B 18 5.69 6.27 -15.32
CA SER B 18 5.66 5.65 -14.00
C SER B 18 6.83 4.69 -13.82
N VAL B 19 7.16 3.92 -14.85
CA VAL B 19 8.37 3.11 -14.78
C VAL B 19 9.59 3.97 -14.54
N ALA B 20 9.71 5.08 -15.28
CA ALA B 20 10.87 5.95 -15.08
C ALA B 20 10.95 6.44 -13.65
N PHE B 21 9.81 6.82 -13.07
CA PHE B 21 9.78 7.33 -11.70
C PHE B 21 10.23 6.26 -10.73
N TYR B 22 9.59 5.08 -10.77
CA TYR B 22 9.87 4.08 -9.74
C TYR B 22 11.22 3.41 -9.96
N GLN B 23 11.56 3.06 -11.20
CA GLN B 23 12.83 2.40 -11.49
C GLN B 23 13.99 3.39 -11.42
N GLN B 24 13.96 4.42 -12.27
CA GLN B 24 15.12 5.27 -12.42
C GLN B 24 15.27 6.32 -11.32
N LEU B 25 14.21 7.06 -11.00
CA LEU B 25 14.30 8.08 -9.96
C LEU B 25 14.40 7.44 -8.58
N LEU B 26 13.50 6.49 -8.29
N LEU B 26 13.52 6.47 -8.30
CA LEU B 26 13.48 5.92 -6.94
CA LEU B 26 13.46 5.91 -6.95
C LEU B 26 14.42 4.74 -6.77
C LEU B 26 14.35 4.68 -6.77
N GLY B 27 14.93 4.16 -7.85
CA GLY B 27 15.89 3.09 -7.73
C GLY B 27 15.35 1.69 -7.51
N MET B 28 14.08 1.48 -7.74
CA MET B 28 13.50 0.13 -7.61
C MET B 28 13.93 -0.77 -8.76
N THR B 29 13.90 -2.08 -8.51
CA THR B 29 14.34 -3.05 -9.50
C THR B 29 13.15 -3.42 -10.39
N LEU B 30 13.30 -3.28 -11.71
CA LEU B 30 12.28 -3.68 -12.68
C LEU B 30 12.48 -5.15 -13.05
N HIS B 31 11.51 -5.98 -12.71
CA HIS B 31 11.60 -7.40 -13.04
C HIS B 31 10.90 -7.78 -14.34
N ALA B 32 9.79 -7.13 -14.66
CA ALA B 32 9.05 -7.49 -15.86
C ALA B 32 8.16 -6.33 -16.24
N ARG B 33 7.83 -6.25 -17.52
CA ARG B 33 6.86 -5.27 -18.02
C ARG B 33 6.06 -5.95 -19.10
N TRP B 34 4.83 -5.49 -19.27
CA TRP B 34 3.94 -5.97 -20.31
C TRP B 34 3.14 -4.78 -20.82
N ASP B 35 2.28 -5.02 -21.81
CA ASP B 35 1.62 -3.90 -22.46
C ASP B 35 0.79 -3.05 -21.50
N SER B 36 0.34 -3.62 -20.36
CA SER B 36 -0.49 -2.85 -19.45
C SER B 36 0.06 -2.86 -18.01
N GLY B 37 1.35 -3.09 -17.79
CA GLY B 37 1.84 -2.94 -16.43
C GLY B 37 3.29 -3.35 -16.28
N ALA B 38 3.72 -3.33 -15.02
CA ALA B 38 5.09 -3.68 -14.69
C ALA B 38 5.16 -4.24 -13.27
N TYR B 39 6.17 -5.09 -13.01
CA TYR B 39 6.47 -5.56 -11.67
C TYR B 39 7.85 -5.05 -11.27
N LEU B 40 7.91 -4.41 -10.12
CA LEU B 40 9.16 -3.95 -9.52
C LEU B 40 9.31 -4.51 -8.11
N SER B 41 10.52 -4.48 -7.59
CA SER B 41 10.71 -4.73 -6.18
C SER B 41 11.52 -3.61 -5.55
N CYS B 42 11.26 -3.41 -4.28
CA CYS B 42 11.91 -2.42 -3.44
C CYS B 42 12.17 -3.14 -2.12
N GLY B 43 13.38 -3.63 -1.90
CA GLY B 43 13.57 -4.53 -0.78
C GLY B 43 12.58 -5.66 -0.89
N ASP B 44 11.86 -5.92 0.19
N ASP B 44 11.87 -5.95 0.21
CA ASP B 44 10.88 -6.99 0.20
CA ASP B 44 10.85 -7.01 0.24
C ASP B 44 9.49 -6.54 -0.24
C ASP B 44 9.55 -6.63 -0.48
N LEU B 45 9.36 -5.35 -0.79
CA LEU B 45 8.10 -4.92 -1.39
C LEU B 45 8.01 -5.35 -2.85
N TRP B 46 6.92 -6.02 -3.19
CA TRP B 46 6.50 -6.32 -4.56
C TRP B 46 5.55 -5.19 -4.95
N LEU B 47 5.97 -4.35 -5.91
CA LEU B 47 5.15 -3.28 -6.46
C LEU B 47 4.68 -3.65 -7.85
N CYS B 48 3.40 -3.46 -8.10
N CYS B 48 3.39 -3.47 -8.09
CA CYS B 48 2.84 -3.59 -9.44
CA CYS B 48 2.81 -3.58 -9.42
C CYS B 48 2.33 -2.25 -9.90
C CYS B 48 2.37 -2.20 -9.88
N LEU B 49 2.77 -1.82 -11.09
CA LEU B 49 2.20 -0.67 -11.78
C LEU B 49 1.20 -1.24 -12.77
N SER B 50 -0.05 -0.79 -12.71
CA SER B 50 -1.10 -1.30 -13.59
C SER B 50 -1.67 -0.14 -14.42
N LEU B 51 -1.47 -0.21 -15.75
CA LEU B 51 -1.97 0.83 -16.63
C LEU B 51 -3.50 0.80 -16.58
N ASP B 52 -4.11 1.91 -16.26
CA ASP B 52 -5.54 1.96 -16.01
C ASP B 52 -6.11 3.23 -16.58
N PRO B 53 -6.95 3.18 -17.61
N PRO B 53 -6.92 3.13 -17.64
CA PRO B 53 -7.50 4.44 -18.13
CA PRO B 53 -7.65 4.31 -18.12
C PRO B 53 -8.39 5.18 -17.14
C PRO B 53 -8.50 4.98 -17.06
N GLN B 54 -8.86 4.52 -16.09
N GLN B 54 -8.81 4.30 -15.96
CA GLN B 54 -9.60 5.22 -15.05
CA GLN B 54 -9.55 4.87 -14.85
C GLN B 54 -8.69 6.01 -14.12
C GLN B 54 -8.71 5.87 -14.06
N ARG B 55 -7.38 5.81 -14.12
CA ARG B 55 -6.56 6.64 -13.24
C ARG B 55 -6.53 8.11 -13.69
N ARG B 56 -6.84 9.01 -12.77
N ARG B 56 -6.89 9.02 -12.79
CA ARG B 56 -6.78 10.44 -13.01
CA ARG B 56 -6.78 10.46 -12.99
C ARG B 56 -5.56 11.04 -12.32
C ARG B 56 -5.49 10.97 -12.36
N VAL B 57 -4.87 11.95 -13.01
CA VAL B 57 -3.76 12.67 -12.40
C VAL B 57 -4.38 13.59 -11.35
N THR B 58 -4.15 13.27 -10.08
CA THR B 58 -5.02 13.77 -9.04
C THR B 58 -4.27 14.76 -8.15
N PRO B 59 -4.65 16.03 -8.13
CA PRO B 59 -3.99 16.97 -7.22
C PRO B 59 -4.12 16.51 -5.79
N PRO B 60 -3.16 16.86 -4.92
CA PRO B 60 -3.17 16.34 -3.54
C PRO B 60 -4.31 16.89 -2.70
N GLU B 61 -4.83 18.07 -3.01
CA GLU B 61 -5.95 18.60 -2.28
C GLU B 61 -7.23 17.82 -2.58
N GLU B 62 -7.24 17.02 -3.65
CA GLU B 62 -8.42 16.28 -4.09
C GLU B 62 -8.41 14.83 -3.66
N SER B 63 -7.34 14.35 -3.09
CA SER B 63 -7.31 13.00 -2.58
C SER B 63 -7.22 13.03 -1.07
N ASP B 64 -7.61 11.91 -0.46
CA ASP B 64 -7.55 11.76 0.97
C ASP B 64 -6.14 11.39 1.40
N TYR B 65 -5.97 11.14 2.70
CA TYR B 65 -4.65 10.97 3.33
C TYR B 65 -4.03 9.58 3.10
N THR B 66 -4.70 8.69 2.39
CA THR B 66 -4.13 7.37 2.11
C THR B 66 -2.76 7.56 1.45
N HIS B 67 -1.73 6.86 1.96
CA HIS B 67 -0.40 7.07 1.41
C HIS B 67 0.48 5.87 1.70
N TYR B 68 1.61 5.85 1.01
CA TYR B 68 2.53 4.71 0.96
C TYR B 68 3.90 5.21 1.34
N ALA B 69 4.46 4.74 2.44
CA ALA B 69 5.77 5.16 2.93
C ALA B 69 6.81 4.08 2.66
N PHE B 70 7.97 4.48 2.12
CA PHE B 70 9.11 3.62 1.87
C PHE B 70 10.16 3.82 2.91
N SER B 71 10.83 2.73 3.25
CA SER B 71 11.89 2.78 4.24
C SER B 71 13.20 3.27 3.63
N ILE B 72 13.90 4.09 4.41
CA ILE B 72 15.23 4.57 4.09
C ILE B 72 15.96 4.76 5.40
N SER B 73 17.29 4.64 5.38
CA SER B 73 18.06 4.90 6.58
C SER B 73 18.18 6.41 6.86
N GLU B 74 18.38 6.75 8.12
CA GLU B 74 18.64 8.15 8.44
C GLU B 74 19.82 8.69 7.67
N ALA B 75 20.87 7.89 7.52
CA ALA B 75 22.07 8.37 6.85
C ALA B 75 21.81 8.73 5.38
N ASP B 76 20.89 8.02 4.74
CA ASP B 76 20.60 8.24 3.31
C ASP B 76 19.44 9.22 3.04
N PHE B 77 18.70 9.59 4.07
CA PHE B 77 17.46 10.35 3.89
C PHE B 77 17.69 11.68 3.19
N ALA B 78 18.63 12.49 3.68
CA ALA B 78 18.72 13.87 3.17
C ALA B 78 19.14 13.88 1.70
N SER B 79 20.07 13.01 1.31
N SER B 79 20.07 13.02 1.33
CA SER B 79 20.48 13.02 -0.09
CA SER B 79 20.49 12.94 -0.06
C SER B 79 19.38 12.49 -1.00
C SER B 79 19.33 12.54 -0.96
N PHE B 80 18.52 11.59 -0.50
CA PHE B 80 17.44 11.09 -1.35
C PHE B 80 16.37 12.18 -1.48
N ALA B 81 16.04 12.85 -0.39
CA ALA B 81 15.14 14.00 -0.49
C ALA B 81 15.65 15.05 -1.47
N ALA B 82 16.96 15.32 -1.43
CA ALA B 82 17.53 16.32 -2.32
C ALA B 82 17.43 15.87 -3.78
N ARG B 83 17.59 14.56 -4.03
CA ARG B 83 17.41 14.01 -5.38
C ARG B 83 16.00 14.28 -5.88
N LEU B 84 15.00 13.99 -5.04
CA LEU B 84 13.61 14.24 -5.43
C LEU B 84 13.39 15.71 -5.70
N GLU B 85 13.98 16.56 -4.85
N GLU B 85 13.97 16.56 -4.85
CA GLU B 85 13.85 18.00 -5.05
CA GLU B 85 13.81 17.99 -5.07
C GLU B 85 14.46 18.42 -6.37
C GLU B 85 14.46 18.44 -6.37
N ALA B 86 15.66 17.92 -6.67
CA ALA B 86 16.32 18.32 -7.91
C ALA B 86 15.48 17.91 -9.11
N ALA B 87 14.85 16.76 -9.02
CA ALA B 87 13.99 16.24 -10.07
C ALA B 87 12.67 16.99 -10.15
N GLY B 88 12.39 17.92 -9.25
CA GLY B 88 11.16 18.72 -9.29
C GLY B 88 9.94 17.97 -8.80
N VAL B 89 10.14 16.96 -7.97
CA VAL B 89 9.02 16.17 -7.46
C VAL B 89 8.30 16.99 -6.39
N ALA B 90 6.99 17.11 -6.51
CA ALA B 90 6.20 17.92 -5.59
C ALA B 90 6.06 17.28 -4.21
N VAL B 91 6.07 18.15 -3.20
CA VAL B 91 5.82 17.80 -1.79
C VAL B 91 4.37 18.09 -1.46
N TRP B 92 3.73 17.20 -0.70
CA TRP B 92 2.33 17.40 -0.33
C TRP B 92 2.10 17.70 1.14
N LYS B 93 3.11 17.63 1.98
CA LYS B 93 2.98 17.83 3.42
C LYS B 93 4.36 18.08 3.97
N LEU B 94 4.44 18.86 5.06
CA LEU B 94 5.67 18.97 5.85
C LEU B 94 5.66 17.98 7.02
N ASN B 95 6.83 17.51 7.42
CA ASN B 95 6.91 16.62 8.58
C ASN B 95 6.74 17.35 9.92
N ARG B 96 5.83 16.82 10.75
CA ARG B 96 5.61 17.28 12.12
C ARG B 96 5.55 16.13 13.13
N SER B 97 5.99 14.93 12.77
N SER B 97 6.09 14.98 12.83
CA SER B 97 5.90 13.76 13.66
CA SER B 97 5.95 13.84 13.75
C SER B 97 7.31 13.24 13.91
C SER B 97 7.27 13.10 13.77
N GLU B 98 7.41 12.16 14.72
CA GLU B 98 8.72 11.59 15.05
C GLU B 98 9.28 10.76 13.88
N GLY B 99 10.60 10.84 13.73
CA GLY B 99 11.26 10.19 12.63
C GLY B 99 11.21 11.06 11.39
N ALA B 100 12.31 11.09 10.68
CA ALA B 100 12.38 11.83 9.44
C ALA B 100 11.33 11.33 8.46
N SER B 101 10.65 12.28 7.79
CA SER B 101 9.68 11.94 6.75
C SER B 101 9.73 13.01 5.66
N HIS B 102 9.69 12.57 4.41
CA HIS B 102 9.61 13.43 3.22
C HIS B 102 8.38 13.00 2.45
N TYR B 103 7.44 13.90 2.24
CA TYR B 103 6.14 13.58 1.65
C TYR B 103 6.06 14.07 0.21
N PHE B 104 6.00 13.16 -0.74
CA PHE B 104 6.15 13.50 -2.14
C PHE B 104 5.10 12.80 -2.98
N LEU B 105 4.87 13.32 -4.19
CA LEU B 105 3.86 12.81 -5.08
C LEU B 105 4.46 12.07 -6.27
N ASP B 106 3.80 10.99 -6.69
CA ASP B 106 4.16 10.33 -7.93
C ASP B 106 3.50 11.01 -9.12
N PRO B 107 3.82 10.58 -10.36
CA PRO B 107 3.32 11.29 -11.54
C PRO B 107 1.81 11.37 -11.65
N ASP B 108 1.08 10.46 -11.02
CA ASP B 108 -0.37 10.44 -11.01
C ASP B 108 -0.95 11.03 -9.75
N GLY B 109 -0.10 11.55 -8.85
CA GLY B 109 -0.59 12.09 -7.60
C GLY B 109 -0.74 11.07 -6.50
N HIS B 110 -0.24 9.85 -6.67
CA HIS B 110 -0.23 8.95 -5.52
C HIS B 110 0.63 9.60 -4.45
N LYS B 111 0.13 9.55 -3.22
CA LYS B 111 0.82 10.13 -2.07
C LYS B 111 1.83 9.14 -1.51
N LEU B 112 3.09 9.54 -1.56
CA LEU B 112 4.23 8.76 -1.12
C LEU B 112 4.95 9.47 0.02
N GLU B 113 5.79 8.71 0.69
CA GLU B 113 6.57 9.20 1.82
C GLU B 113 7.87 8.43 1.88
N LEU B 114 8.96 9.11 2.23
CA LEU B 114 10.14 8.45 2.76
C LEU B 114 10.09 8.56 4.26
N HIS B 115 10.23 7.47 4.99
CA HIS B 115 10.24 7.52 6.46
C HIS B 115 11.38 6.69 7.03
N VAL B 116 11.98 7.25 8.08
CA VAL B 116 12.98 6.59 8.90
C VAL B 116 12.34 6.23 10.22
N GLY B 117 12.30 4.94 10.53
CA GLY B 117 11.83 4.49 11.83
C GLY B 117 10.76 3.42 11.72
N SER B 118 10.74 2.56 12.70
CA SER B 118 9.85 1.42 12.74
C SER B 118 8.58 1.70 13.53
N LEU B 119 7.67 0.73 13.48
CA LEU B 119 6.49 0.75 14.33
C LEU B 119 6.89 0.71 15.79
N ALA B 120 7.83 -0.16 16.16
CA ALA B 120 8.30 -0.18 17.54
C ALA B 120 8.78 1.20 18.01
N GLN B 121 9.53 1.89 17.17
CA GLN B 121 10.03 3.22 17.52
C GLN B 121 8.88 4.16 17.74
N ARG B 122 7.88 4.14 16.86
CA ARG B 122 6.74 5.01 17.01
C ARG B 122 5.98 4.70 18.28
N LEU B 123 5.73 3.41 18.55
CA LEU B 123 5.02 3.05 19.77
C LEU B 123 5.76 3.51 21.01
N ALA B 124 7.10 3.38 21.02
CA ALA B 124 7.86 3.83 22.18
C ALA B 124 7.68 5.33 22.39
N ALA B 125 7.72 6.10 21.31
CA ALA B 125 7.53 7.55 21.42
C ALA B 125 6.12 7.85 21.94
N CYS B 126 5.14 7.11 21.44
CA CYS B 126 3.76 7.32 21.85
C CYS B 126 3.52 6.95 23.30
N ARG B 127 4.21 5.93 23.81
N ARG B 127 4.21 5.91 23.80
CA ARG B 127 4.01 5.58 25.21
CA ARG B 127 4.06 5.55 25.20
C ARG B 127 4.52 6.70 26.11
C ARG B 127 4.49 6.70 26.08
N GLU B 128 5.58 7.38 25.68
CA GLU B 128 6.10 8.52 26.45
C GLU B 128 5.22 9.75 26.33
N GLN B 129 4.60 9.96 25.18
CA GLN B 129 3.80 11.15 24.89
C GLN B 129 2.57 10.72 24.12
N PRO B 130 1.58 10.17 24.79
CA PRO B 130 0.46 9.57 24.04
C PRO B 130 -0.38 10.64 23.36
N TYR B 131 -0.89 10.29 22.18
CA TYR B 131 -1.82 11.14 21.47
C TYR B 131 -3.13 11.21 22.25
N LYS B 132 -3.98 12.20 21.91
CA LYS B 132 -5.25 12.34 22.61
C LYS B 132 -6.10 11.10 22.43
N GLY B 133 -6.54 10.54 23.54
CA GLY B 133 -7.37 9.36 23.54
C GLY B 133 -6.63 8.06 23.34
N MET B 134 -5.31 8.07 23.43
CA MET B 134 -4.53 6.89 23.09
C MET B 134 -4.59 5.80 24.14
N VAL B 135 -4.78 4.59 23.64
N VAL B 135 -4.85 4.60 23.69
CA VAL B 135 -4.90 3.33 24.39
CA VAL B 135 -4.70 3.43 24.54
C VAL B 135 -3.97 2.33 23.71
C VAL B 135 -3.98 2.35 23.76
N PHE B 136 -3.24 1.56 24.50
CA PHE B 136 -2.33 0.52 24.01
C PHE B 136 -2.91 -0.84 24.31
N PHE B 137 -2.50 -1.82 23.51
CA PHE B 137 -3.00 -3.18 23.65
C PHE B 137 -1.83 -4.14 23.69
N GLU B 138 -1.75 -4.92 24.76
CA GLU B 138 -0.61 -5.82 25.00
C GLU B 138 -0.82 -7.15 24.31
#